data_1EXD
#
_entry.id   1EXD
#
_cell.length_a   236.940
_cell.length_b   93.980
_cell.length_c   113.910
_cell.angle_alpha   90.00
_cell.angle_beta   90.00
_cell.angle_gamma   90.00
#
_symmetry.space_group_name_H-M   'C 2 2 21'
#
loop_
_entity.id
_entity.type
_entity.pdbx_description
1 polymer 'GLUTAMINE TRNA APTAMER'
2 polymer 'GLUTAMINYL-TRNA SYNTHETASE'
3 non-polymer 'SULFATE ION'
4 non-polymer 'ADENOSINE MONOPHOSPHATE'
5 water water
#
loop_
_entity_poly.entity_id
_entity_poly.type
_entity_poly.pdbx_seq_one_letter_code
_entity_poly.pdbx_strand_id
1 'polyribonucleotide' GGGGUAUCGCCAAGCGGUAAGGCACCGGAUUCUGAUUCCGGAGGUCGAGGUUCGAAUCCUCGUACCCCAGCCA B
2 'polypeptide(L)'
;MSEAEARPTNFIRQIIDEDLASGKHTTVHTRFPPEPNGYLHIGHAKSICLNFGIAQDYKGQCNLRFDDTNPVKEDIEYVE
SIKNDVEWLGFHWSGNVRYSSDYFDQLHAYAIELINKGLAYVDELTPEQIREYRGTLTQPGKNSPYRDRSVEENLALFEK
MRAGGFEEGKACLRAKIDMASPFIVMRDPVLYRIKFAEHHQTGNKWCIYPMYDFTHCISDALEGITHSLCTLEFQDNRRL
YDWVLDNITIPVHPRQYEFSRLNLEYTVMSKRKLNLLVTDKHVEGWDDPRMPTISGLRRRGYTAASIREFCKRIGVTKQD
NTIEMASLESCIREDLNENAPRAMAVIDPVKLVIENYQGEGEMVTMPNHPNKPEMGSRQVPFSGEIWIDRADFREEANKQ
YKRLVLGKEVRLRNAYVIKAERVEKDAEGNITTIFCTYDADTLSKDPADGRKVKGVIHWVSAAHALPVEIRLYDRLFSVP
NPGAADDFLSVINPESLVIKQGFAEPSLKDAVAGKAFQFEREGYFCLDSRHSTAEKPVFNRTVGLRDT
;
A
#
# COMPACT_ATOMS: atom_id res chain seq x y z
N THR B 9 14.41 -16.75 -6.49
CA THR B 9 13.92 -17.97 -5.86
C THR B 9 13.66 -17.78 -4.37
N ASN B 10 12.75 -18.60 -3.86
CA ASN B 10 12.36 -18.56 -2.47
C ASN B 10 11.79 -19.94 -2.23
N PHE B 11 11.38 -20.22 -0.99
CA PHE B 11 10.85 -21.53 -0.64
C PHE B 11 9.64 -21.99 -1.44
N ILE B 12 8.78 -21.06 -1.84
CA ILE B 12 7.59 -21.42 -2.61
C ILE B 12 7.93 -21.81 -4.04
N ARG B 13 8.89 -21.12 -4.63
CA ARG B 13 9.30 -21.43 -6.00
C ARG B 13 10.01 -22.77 -6.06
N GLN B 14 10.73 -23.11 -4.98
CA GLN B 14 11.43 -24.39 -4.90
C GLN B 14 10.39 -25.51 -4.84
N ILE B 15 9.30 -25.30 -4.12
CA ILE B 15 8.23 -26.28 -4.03
C ILE B 15 7.60 -26.44 -5.40
N ILE B 16 7.46 -25.34 -6.12
CA ILE B 16 6.86 -25.34 -7.45
C ILE B 16 7.71 -26.12 -8.43
N ASP B 17 9.02 -25.98 -8.31
CA ASP B 17 9.95 -26.66 -9.19
C ASP B 17 9.87 -28.15 -8.93
N GLU B 18 9.97 -28.53 -7.66
CA GLU B 18 9.90 -29.93 -7.27
C GLU B 18 8.68 -30.60 -7.90
N ASP B 19 7.52 -29.95 -7.81
CA ASP B 19 6.29 -30.48 -8.38
C ASP B 19 6.33 -30.58 -9.89
N LEU B 20 6.90 -29.57 -10.53
CA LEU B 20 6.96 -29.55 -11.98
C LEU B 20 7.81 -30.71 -12.44
N ALA B 21 8.91 -30.93 -11.73
CA ALA B 21 9.80 -32.03 -12.07
C ALA B 21 9.09 -33.35 -11.79
N SER B 22 8.60 -33.51 -10.58
CA SER B 22 7.91 -34.73 -10.19
C SER B 22 6.65 -34.99 -11.02
N GLY B 23 6.39 -34.14 -12.00
CA GLY B 23 5.22 -34.30 -12.83
C GLY B 23 3.92 -34.17 -12.03
N LYS B 24 4.00 -33.68 -10.79
CA LYS B 24 2.81 -33.50 -9.98
C LYS B 24 1.95 -32.46 -10.65
N HIS B 25 2.59 -31.60 -11.44
CA HIS B 25 1.92 -30.53 -12.16
C HIS B 25 2.58 -30.32 -13.52
N THR B 26 1.82 -29.77 -14.46
CA THR B 26 2.36 -29.49 -15.78
C THR B 26 2.32 -28.00 -16.03
N THR B 27 1.71 -27.27 -15.11
CA THR B 27 1.56 -25.83 -15.22
C THR B 27 1.30 -25.30 -13.83
N VAL B 28 1.52 -24.00 -13.62
CA VAL B 28 1.20 -23.41 -12.33
C VAL B 28 0.07 -22.43 -12.58
N HIS B 29 -0.82 -22.34 -11.60
CA HIS B 29 -1.96 -21.46 -11.66
C HIS B 29 -2.16 -21.00 -10.24
N THR B 30 -1.86 -19.74 -9.99
CA THR B 30 -1.97 -19.15 -8.67
C THR B 30 -3.17 -18.21 -8.67
N ARG B 31 -3.28 -17.38 -7.62
CA ARG B 31 -4.34 -16.37 -7.52
C ARG B 31 -4.10 -15.33 -6.41
N PHE B 32 -4.73 -14.18 -6.55
CA PHE B 32 -4.62 -13.14 -5.54
C PHE B 32 -6.09 -12.93 -5.12
N PRO B 33 -6.42 -13.24 -3.84
CA PRO B 33 -7.78 -13.09 -3.35
C PRO B 33 -8.06 -12.05 -2.27
N PRO B 34 -8.09 -10.77 -2.64
CA PRO B 34 -8.35 -9.79 -1.59
C PRO B 34 -9.85 -9.67 -1.34
N GLU B 35 -10.23 -9.50 -0.08
CA GLU B 35 -11.63 -9.30 0.28
C GLU B 35 -11.88 -7.82 -0.05
N PRO B 36 -12.96 -7.50 -0.78
CA PRO B 36 -13.09 -6.05 -1.04
C PRO B 36 -13.62 -5.26 0.17
N ASN B 37 -12.84 -5.28 1.26
CA ASN B 37 -13.15 -4.59 2.51
C ASN B 37 -12.12 -3.50 2.80
N GLY B 38 -11.66 -2.80 1.76
CA GLY B 38 -10.69 -1.73 1.96
C GLY B 38 -9.79 -1.61 0.77
N TYR B 39 -8.83 -0.68 0.79
CA TYR B 39 -7.90 -0.51 -0.32
C TYR B 39 -6.65 -1.35 -0.14
N LEU B 40 -5.98 -1.63 -1.24
CA LEU B 40 -4.77 -2.43 -1.20
C LEU B 40 -3.59 -1.63 -0.65
N HIS B 41 -2.65 -2.32 0.01
CA HIS B 41 -1.46 -1.69 0.56
C HIS B 41 -0.16 -2.42 0.20
N ILE B 42 0.97 -1.85 0.60
CA ILE B 42 2.28 -2.41 0.32
C ILE B 42 2.35 -3.93 0.61
N GLY B 43 1.60 -4.39 1.61
CA GLY B 43 1.57 -5.80 1.97
C GLY B 43 0.92 -6.59 0.86
N HIS B 44 -0.09 -5.99 0.24
CA HIS B 44 -0.79 -6.63 -0.86
C HIS B 44 0.10 -6.60 -2.09
N ALA B 45 1.05 -5.67 -2.14
CA ALA B 45 1.96 -5.58 -3.28
C ALA B 45 2.90 -6.78 -3.20
N LYS B 46 3.27 -7.18 -1.99
CA LYS B 46 4.15 -8.32 -1.81
C LYS B 46 3.40 -9.56 -2.27
N SER B 47 2.13 -9.66 -1.89
CA SER B 47 1.31 -10.78 -2.28
C SER B 47 1.01 -10.80 -3.78
N ILE B 48 0.84 -9.62 -4.39
CA ILE B 48 0.53 -9.51 -5.82
C ILE B 48 1.71 -9.90 -6.66
N CYS B 49 2.89 -9.54 -6.21
CA CYS B 49 4.11 -9.86 -6.92
C CYS B 49 4.39 -11.34 -6.86
N LEU B 50 4.20 -11.92 -5.69
CA LEU B 50 4.42 -13.34 -5.48
C LEU B 50 3.52 -14.15 -6.40
N ASN B 51 2.23 -13.93 -6.29
CA ASN B 51 1.28 -14.68 -7.08
C ASN B 51 1.31 -14.40 -8.57
N PHE B 52 1.25 -13.13 -8.97
CA PHE B 52 1.26 -12.80 -10.40
C PHE B 52 2.62 -13.06 -11.02
N GLY B 53 3.68 -12.74 -10.27
CA GLY B 53 5.03 -12.93 -10.76
C GLY B 53 5.31 -14.39 -11.00
N ILE B 54 5.07 -15.22 -9.99
CA ILE B 54 5.27 -16.67 -10.10
C ILE B 54 4.60 -17.17 -11.37
N ALA B 55 3.32 -16.85 -11.53
CA ALA B 55 2.59 -17.28 -12.70
C ALA B 55 3.29 -16.85 -13.98
N GLN B 56 3.63 -15.57 -14.13
CA GLN B 56 4.26 -15.13 -15.36
C GLN B 56 5.62 -15.76 -15.60
N ASP B 57 6.44 -15.85 -14.56
CA ASP B 57 7.76 -16.46 -14.72
C ASP B 57 7.53 -17.88 -15.23
N TYR B 58 6.63 -18.61 -14.59
CA TYR B 58 6.34 -19.98 -14.96
C TYR B 58 5.34 -20.15 -16.09
N LYS B 59 5.16 -19.12 -16.89
CA LYS B 59 4.22 -19.21 -18.01
C LYS B 59 2.92 -19.91 -17.62
N GLY B 60 2.36 -19.46 -16.50
CA GLY B 60 1.12 -19.98 -15.99
C GLY B 60 0.05 -18.91 -16.00
N GLN B 61 -0.92 -19.01 -15.10
CA GLN B 61 -1.99 -18.05 -15.01
C GLN B 61 -2.19 -17.71 -13.56
N CYS B 62 -2.79 -16.56 -13.31
CA CYS B 62 -3.04 -16.09 -11.96
C CYS B 62 -4.37 -15.40 -12.01
N ASN B 63 -5.26 -15.72 -11.09
CA ASN B 63 -6.59 -15.11 -11.05
C ASN B 63 -6.65 -14.01 -10.04
N LEU B 64 -7.64 -13.15 -10.22
CA LEU B 64 -7.90 -12.07 -9.30
C LEU B 64 -9.24 -12.51 -8.77
N ARG B 65 -9.30 -12.88 -7.50
CA ARG B 65 -10.57 -13.28 -6.94
C ARG B 65 -10.84 -12.43 -5.74
N PHE B 66 -12.04 -11.86 -5.69
CA PHE B 66 -12.44 -11.04 -4.57
C PHE B 66 -13.15 -11.97 -3.62
N ASP B 67 -12.52 -12.31 -2.49
CA ASP B 67 -13.16 -13.21 -1.52
C ASP B 67 -14.27 -12.37 -0.89
N ASP B 68 -15.47 -12.45 -1.43
CA ASP B 68 -16.56 -11.64 -0.90
C ASP B 68 -17.69 -12.39 -0.19
N THR B 69 -17.32 -13.27 0.73
CA THR B 69 -18.29 -14.06 1.50
C THR B 69 -18.77 -13.37 2.77
N ASN B 70 -18.71 -12.04 2.79
CA ASN B 70 -19.11 -11.29 3.98
C ASN B 70 -19.61 -9.92 3.56
N PRO B 71 -20.85 -9.85 3.03
CA PRO B 71 -21.51 -8.63 2.57
C PRO B 71 -21.39 -7.41 3.48
N VAL B 72 -21.28 -7.64 4.78
CA VAL B 72 -21.23 -6.54 5.75
C VAL B 72 -19.89 -5.82 5.92
N LYS B 73 -18.82 -6.42 5.45
CA LYS B 73 -17.53 -5.81 5.59
C LYS B 73 -17.02 -5.21 4.29
N GLU B 74 -17.64 -5.58 3.17
CA GLU B 74 -17.18 -5.12 1.87
C GLU B 74 -18.10 -4.16 1.10
N ASP B 75 -17.50 -3.40 0.19
CA ASP B 75 -18.26 -2.46 -0.63
C ASP B 75 -17.74 -2.50 -2.05
N ILE B 76 -18.56 -2.11 -3.01
CA ILE B 76 -18.17 -2.12 -4.42
C ILE B 76 -17.00 -1.17 -4.71
N GLU B 77 -16.92 -0.06 -3.97
CA GLU B 77 -15.83 0.91 -4.14
C GLU B 77 -14.47 0.22 -4.10
N TYR B 78 -14.35 -0.79 -3.24
CA TYR B 78 -13.12 -1.52 -3.07
C TYR B 78 -12.77 -2.43 -4.24
N VAL B 79 -13.76 -3.09 -4.84
CA VAL B 79 -13.47 -3.98 -5.97
C VAL B 79 -12.98 -3.13 -7.12
N GLU B 80 -13.58 -1.95 -7.26
CA GLU B 80 -13.23 -1.03 -8.32
C GLU B 80 -11.75 -0.66 -8.20
N SER B 81 -11.33 -0.31 -6.97
CA SER B 81 -9.94 0.10 -6.68
C SER B 81 -8.90 -1.00 -6.77
N ILE B 82 -9.21 -2.14 -6.15
CA ILE B 82 -8.33 -3.29 -6.13
C ILE B 82 -7.89 -3.60 -7.54
N LYS B 83 -8.85 -3.65 -8.46
CA LYS B 83 -8.57 -3.93 -9.86
C LYS B 83 -7.59 -2.90 -10.41
N ASN B 84 -7.85 -1.64 -10.09
CA ASN B 84 -7.03 -0.52 -10.53
C ASN B 84 -5.54 -0.62 -10.15
N ASP B 85 -5.25 -0.81 -8.87
CA ASP B 85 -3.87 -0.92 -8.40
C ASP B 85 -3.18 -2.21 -8.86
N VAL B 86 -3.95 -3.29 -9.00
CA VAL B 86 -3.39 -4.55 -9.45
C VAL B 86 -2.81 -4.32 -10.84
N GLU B 87 -3.58 -3.60 -11.67
CA GLU B 87 -3.16 -3.28 -13.03
C GLU B 87 -2.01 -2.28 -13.04
N TRP B 88 -2.20 -1.21 -12.27
CA TRP B 88 -1.20 -0.15 -12.15
C TRP B 88 0.18 -0.70 -11.79
N LEU B 89 0.20 -1.78 -11.01
CA LEU B 89 1.44 -2.42 -10.59
C LEU B 89 2.12 -3.15 -11.74
N GLY B 90 1.38 -3.36 -12.81
CA GLY B 90 1.91 -4.03 -13.99
C GLY B 90 1.51 -5.48 -14.11
N PHE B 91 0.43 -5.87 -13.44
CA PHE B 91 -0.01 -7.26 -13.49
C PHE B 91 -1.39 -7.47 -14.08
N HIS B 92 -1.50 -8.48 -14.94
CA HIS B 92 -2.76 -8.82 -15.56
C HIS B 92 -3.20 -10.17 -15.06
N TRP B 93 -4.48 -10.28 -14.70
CA TRP B 93 -5.03 -11.52 -14.20
C TRP B 93 -5.60 -12.33 -15.36
N SER B 94 -5.73 -13.62 -15.11
CA SER B 94 -6.21 -14.58 -16.09
C SER B 94 -7.71 -14.62 -16.24
N GLY B 95 -8.18 -14.39 -17.45
CA GLY B 95 -9.60 -14.41 -17.68
C GLY B 95 -10.31 -13.33 -16.91
N ASN B 96 -11.63 -13.45 -16.79
CA ASN B 96 -12.41 -12.44 -16.08
C ASN B 96 -12.04 -12.38 -14.62
N VAL B 97 -12.50 -11.32 -13.96
CA VAL B 97 -12.27 -11.13 -12.54
C VAL B 97 -13.22 -12.09 -11.88
N ARG B 98 -12.74 -12.81 -10.87
CA ARG B 98 -13.58 -13.79 -10.17
C ARG B 98 -14.18 -13.25 -8.90
N TYR B 99 -15.06 -14.05 -8.31
CA TYR B 99 -15.72 -13.69 -7.09
C TYR B 99 -16.14 -14.98 -6.39
N SER B 100 -16.04 -15.01 -5.07
CA SER B 100 -16.46 -16.18 -4.32
C SER B 100 -17.94 -16.28 -4.58
N SER B 101 -18.62 -15.14 -4.64
CA SER B 101 -20.06 -15.13 -4.88
C SER B 101 -20.48 -15.85 -6.15
N ASP B 102 -19.54 -16.09 -7.07
CA ASP B 102 -19.86 -16.79 -8.29
C ASP B 102 -20.07 -18.24 -7.92
N TYR B 103 -19.37 -18.68 -6.89
CA TYR B 103 -19.48 -20.05 -6.43
C TYR B 103 -20.51 -20.20 -5.33
N PHE B 104 -21.31 -19.18 -5.08
CA PHE B 104 -22.32 -19.29 -4.02
C PHE B 104 -23.32 -20.41 -4.18
N ASP B 105 -23.56 -20.84 -5.41
CA ASP B 105 -24.51 -21.93 -5.64
C ASP B 105 -23.81 -23.29 -5.52
N GLN B 106 -22.52 -23.31 -5.86
CA GLN B 106 -21.68 -24.50 -5.79
C GLN B 106 -21.43 -24.82 -4.33
N LEU B 107 -21.08 -23.79 -3.57
CA LEU B 107 -20.83 -23.93 -2.16
C LEU B 107 -22.07 -24.51 -1.47
N HIS B 108 -23.25 -23.96 -1.73
CA HIS B 108 -24.49 -24.48 -1.14
C HIS B 108 -24.62 -25.98 -1.47
N ALA B 109 -24.41 -26.33 -2.73
CA ALA B 109 -24.48 -27.73 -3.15
C ALA B 109 -23.48 -28.57 -2.40
N TYR B 110 -22.33 -28.00 -2.10
CA TYR B 110 -21.30 -28.71 -1.36
C TYR B 110 -21.64 -28.83 0.10
N ALA B 111 -22.25 -27.80 0.69
CA ALA B 111 -22.66 -27.89 2.10
C ALA B 111 -23.66 -29.07 2.19
N ILE B 112 -24.51 -29.17 1.18
CA ILE B 112 -25.50 -30.23 1.14
C ILE B 112 -24.85 -31.60 0.96
N GLU B 113 -23.73 -31.66 0.26
CA GLU B 113 -23.05 -32.95 0.11
C GLU B 113 -22.51 -33.34 1.46
N LEU B 114 -21.86 -32.41 2.15
CA LEU B 114 -21.33 -32.69 3.49
C LEU B 114 -22.47 -33.18 4.38
N ILE B 115 -23.60 -32.48 4.36
CA ILE B 115 -24.75 -32.85 5.18
C ILE B 115 -25.22 -34.27 4.89
N ASN B 116 -25.49 -34.55 3.62
CA ASN B 116 -25.91 -35.89 3.24
C ASN B 116 -24.88 -36.90 3.70
N LYS B 117 -23.62 -36.53 3.55
CA LYS B 117 -22.50 -37.36 3.90
C LYS B 117 -22.32 -37.43 5.43
N GLY B 118 -23.23 -36.78 6.16
CA GLY B 118 -23.17 -36.78 7.61
C GLY B 118 -22.07 -35.95 8.23
N LEU B 119 -21.42 -35.12 7.42
CA LEU B 119 -20.31 -34.30 7.90
C LEU B 119 -20.66 -32.89 8.29
N ALA B 120 -21.95 -32.56 8.40
CA ALA B 120 -22.37 -31.21 8.77
C ALA B 120 -23.75 -31.26 9.38
N TYR B 121 -24.06 -30.29 10.24
CA TYR B 121 -25.35 -30.30 10.89
C TYR B 121 -25.70 -28.88 11.32
N VAL B 122 -26.99 -28.55 11.29
CA VAL B 122 -27.44 -27.25 11.69
C VAL B 122 -27.36 -27.24 13.22
N ASP B 123 -26.47 -26.41 13.75
CA ASP B 123 -26.34 -26.32 15.19
C ASP B 123 -27.25 -25.18 15.60
N GLU B 124 -27.79 -25.23 16.82
CA GLU B 124 -28.66 -24.17 17.34
C GLU B 124 -28.17 -23.47 18.61
N LEU B 125 -26.91 -23.73 18.95
CA LEU B 125 -26.25 -23.10 20.09
C LEU B 125 -26.14 -21.62 19.73
N THR B 126 -26.30 -20.74 20.70
CA THR B 126 -26.18 -19.29 20.44
C THR B 126 -24.73 -18.95 20.13
N PRO B 127 -24.45 -17.68 19.83
CA PRO B 127 -23.04 -17.44 19.55
C PRO B 127 -22.19 -17.52 20.82
N GLU B 128 -22.75 -17.10 21.95
CA GLU B 128 -22.01 -17.17 23.21
C GLU B 128 -21.82 -18.64 23.58
N GLN B 129 -22.85 -19.44 23.30
CA GLN B 129 -22.79 -20.86 23.60
C GLN B 129 -21.75 -21.66 22.83
N ILE B 130 -21.64 -21.43 21.53
CA ILE B 130 -20.67 -22.16 20.70
C ILE B 130 -19.25 -21.90 21.20
N ARG B 131 -19.04 -20.73 21.77
CA ARG B 131 -17.74 -20.37 22.30
C ARG B 131 -17.54 -21.17 23.59
N GLU B 132 -18.55 -21.17 24.47
CA GLU B 132 -18.50 -21.94 25.73
C GLU B 132 -18.28 -23.43 25.51
N TYR B 133 -18.92 -24.00 24.50
CA TYR B 133 -18.76 -25.40 24.21
C TYR B 133 -17.46 -25.65 23.45
N ARG B 134 -16.80 -24.59 23.00
CA ARG B 134 -15.58 -24.71 22.17
C ARG B 134 -14.25 -25.20 22.77
N GLY B 135 -14.15 -25.20 24.09
CA GLY B 135 -12.91 -25.62 24.72
C GLY B 135 -12.03 -24.40 24.85
N THR B 136 -10.73 -24.62 25.02
CA THR B 136 -9.77 -23.52 25.16
C THR B 136 -8.49 -24.00 24.50
N LEU B 137 -7.45 -23.18 24.56
CA LEU B 137 -6.19 -23.56 23.97
C LEU B 137 -5.67 -24.86 24.60
N THR B 138 -6.00 -25.11 25.87
CA THR B 138 -5.53 -26.33 26.52
C THR B 138 -6.62 -27.32 26.88
N GLN B 139 -7.78 -26.84 27.32
CA GLN B 139 -8.91 -27.70 27.68
C GLN B 139 -9.77 -27.96 26.43
N PRO B 140 -10.04 -29.25 26.10
CA PRO B 140 -10.84 -29.66 24.94
C PRO B 140 -12.29 -29.16 24.92
N GLY B 141 -12.90 -29.13 23.73
CA GLY B 141 -14.28 -28.68 23.59
C GLY B 141 -15.28 -29.81 23.79
N LYS B 142 -16.57 -29.50 23.78
CA LYS B 142 -17.59 -30.53 23.98
C LYS B 142 -18.68 -30.52 22.93
N ASN B 143 -19.21 -31.70 22.63
CA ASN B 143 -20.28 -31.87 21.63
C ASN B 143 -21.56 -31.08 21.86
N SER B 144 -22.04 -30.42 20.82
CA SER B 144 -23.28 -29.66 20.92
C SER B 144 -24.40 -30.66 21.11
N PRO B 145 -25.49 -30.24 21.78
CA PRO B 145 -26.58 -31.21 21.95
C PRO B 145 -27.29 -31.54 20.63
N TYR B 146 -27.12 -30.66 19.63
CA TYR B 146 -27.74 -30.82 18.33
C TYR B 146 -26.80 -31.50 17.33
N ARG B 147 -25.65 -31.92 17.81
CA ARG B 147 -24.68 -32.54 16.93
C ARG B 147 -25.13 -33.75 16.13
N ASP B 148 -26.01 -34.57 16.69
CA ASP B 148 -26.42 -35.75 15.95
C ASP B 148 -27.80 -35.84 15.31
N ARG B 149 -28.34 -34.72 14.85
CA ARG B 149 -29.64 -34.74 14.17
C ARG B 149 -29.51 -35.63 12.94
N SER B 150 -30.64 -35.96 12.32
CA SER B 150 -30.59 -36.83 11.17
C SER B 150 -30.35 -36.04 9.90
N VAL B 151 -29.83 -36.71 8.87
CA VAL B 151 -29.59 -36.06 7.58
C VAL B 151 -30.85 -35.38 7.12
N GLU B 152 -32.00 -35.99 7.38
CA GLU B 152 -33.26 -35.39 7.00
C GLU B 152 -33.49 -34.10 7.78
N GLU B 153 -33.20 -34.12 9.09
CA GLU B 153 -33.40 -32.95 9.94
C GLU B 153 -32.48 -31.82 9.53
N ASN B 154 -31.23 -32.16 9.24
CA ASN B 154 -30.20 -31.19 8.83
C ASN B 154 -30.52 -30.58 7.49
N LEU B 155 -30.88 -31.42 6.52
CA LEU B 155 -31.25 -30.93 5.20
C LEU B 155 -32.43 -29.95 5.39
N ALA B 156 -33.43 -30.41 6.13
CA ALA B 156 -34.62 -29.62 6.39
C ALA B 156 -34.27 -28.31 7.09
N LEU B 157 -33.42 -28.38 8.08
CA LEU B 157 -33.01 -27.20 8.83
C LEU B 157 -32.11 -26.28 8.02
N PHE B 158 -31.29 -26.82 7.14
CA PHE B 158 -30.40 -25.98 6.35
C PHE B 158 -31.28 -25.13 5.44
N GLU B 159 -32.11 -25.78 4.64
CA GLU B 159 -33.00 -25.04 3.76
C GLU B 159 -33.77 -23.99 4.56
N LYS B 160 -34.19 -24.35 5.77
CA LYS B 160 -34.93 -23.42 6.62
C LYS B 160 -34.11 -22.14 6.76
N MET B 161 -32.82 -22.31 7.01
CA MET B 161 -31.90 -21.18 7.17
C MET B 161 -31.87 -20.37 5.91
N ARG B 162 -31.59 -21.07 4.81
CA ARG B 162 -31.49 -20.50 3.48
C ARG B 162 -32.74 -19.67 3.13
N ALA B 163 -33.91 -20.24 3.41
CA ALA B 163 -35.20 -19.59 3.13
C ALA B 163 -35.38 -18.35 3.97
N GLY B 164 -34.73 -18.31 5.13
CA GLY B 164 -34.83 -17.15 6.00
C GLY B 164 -35.66 -17.45 7.22
N GLY B 165 -36.00 -18.71 7.40
CA GLY B 165 -36.80 -19.13 8.53
C GLY B 165 -36.17 -18.80 9.86
N PHE B 166 -34.84 -18.86 9.91
CA PHE B 166 -34.11 -18.59 11.14
C PHE B 166 -33.56 -17.19 11.17
N GLU B 167 -33.53 -16.62 12.38
CA GLU B 167 -32.98 -15.28 12.61
C GLU B 167 -31.45 -15.38 12.69
N GLU B 168 -30.78 -14.28 12.41
CA GLU B 168 -29.32 -14.24 12.45
C GLU B 168 -28.94 -14.69 13.85
N GLY B 169 -27.90 -15.51 13.95
CA GLY B 169 -27.46 -15.99 15.25
C GLY B 169 -28.27 -17.17 15.76
N LYS B 170 -29.52 -17.26 15.33
CA LYS B 170 -30.40 -18.33 15.74
C LYS B 170 -30.01 -19.71 15.22
N ALA B 171 -29.17 -19.76 14.19
CA ALA B 171 -28.73 -21.05 13.64
C ALA B 171 -27.57 -20.90 12.67
N CYS B 172 -26.73 -21.94 12.59
CA CYS B 172 -25.60 -21.90 11.69
C CYS B 172 -25.27 -23.33 11.29
N LEU B 173 -24.70 -23.52 10.10
CA LEU B 173 -24.34 -24.85 9.66
C LEU B 173 -22.93 -25.07 10.10
N ARG B 174 -22.68 -26.20 10.76
CA ARG B 174 -21.36 -26.56 11.27
C ARG B 174 -20.86 -27.87 10.66
N ALA B 175 -19.55 -28.01 10.63
CA ALA B 175 -18.90 -29.20 10.10
C ALA B 175 -18.78 -30.12 11.30
N LYS B 176 -19.06 -31.40 11.11
CA LYS B 176 -18.97 -32.34 12.21
C LYS B 176 -17.60 -32.98 12.15
N ILE B 177 -16.67 -32.34 12.84
CA ILE B 177 -15.29 -32.80 12.89
C ILE B 177 -14.85 -33.48 14.18
N ASP B 178 -14.15 -32.78 15.05
CA ASP B 178 -13.65 -33.39 16.29
C ASP B 178 -13.50 -32.31 17.33
N MET B 179 -14.51 -32.18 18.19
CA MET B 179 -14.50 -31.14 19.23
C MET B 179 -13.37 -31.13 20.27
N ALA B 180 -12.40 -32.02 20.12
CA ALA B 180 -11.28 -32.09 21.04
C ALA B 180 -9.97 -32.03 20.27
N SER B 181 -10.06 -31.74 18.97
CA SER B 181 -8.87 -31.67 18.14
C SER B 181 -7.95 -30.60 18.67
N PRO B 182 -6.63 -30.88 18.76
CA PRO B 182 -5.74 -29.84 19.28
C PRO B 182 -5.78 -28.63 18.34
N PHE B 183 -6.27 -28.84 17.12
CA PHE B 183 -6.41 -27.78 16.14
C PHE B 183 -7.76 -27.16 16.39
N ILE B 184 -7.77 -26.01 17.03
CA ILE B 184 -9.01 -25.32 17.37
C ILE B 184 -9.98 -25.04 16.23
N VAL B 185 -9.46 -24.94 15.01
CA VAL B 185 -10.33 -24.70 13.87
C VAL B 185 -11.10 -25.97 13.48
N MET B 186 -10.62 -27.14 13.92
CA MET B 186 -11.26 -28.41 13.63
C MET B 186 -12.36 -28.73 14.65
N ARG B 187 -12.60 -27.82 15.58
CA ARG B 187 -13.63 -28.03 16.59
C ARG B 187 -14.97 -27.63 16.01
N ASP B 188 -15.43 -28.41 15.03
CA ASP B 188 -16.70 -28.17 14.35
C ASP B 188 -16.84 -26.75 13.89
N PRO B 189 -15.91 -26.27 13.06
CA PRO B 189 -15.98 -24.88 12.57
C PRO B 189 -17.30 -24.61 11.82
N VAL B 190 -17.84 -23.41 11.99
CA VAL B 190 -19.05 -23.01 11.28
C VAL B 190 -18.72 -22.93 9.77
N LEU B 191 -19.67 -23.37 8.96
CA LEU B 191 -19.56 -23.39 7.52
C LEU B 191 -20.41 -22.28 6.89
N TYR B 192 -21.60 -22.09 7.42
CA TYR B 192 -22.55 -21.09 6.95
C TYR B 192 -23.17 -20.36 8.15
N ARG B 193 -23.30 -19.03 8.06
CA ARG B 193 -23.94 -18.26 9.12
C ARG B 193 -25.01 -17.42 8.45
N ILE B 194 -26.01 -17.01 9.22
CA ILE B 194 -27.13 -16.20 8.72
C ILE B 194 -26.86 -14.69 8.80
N LYS B 195 -26.99 -14.02 7.66
CA LYS B 195 -26.80 -12.59 7.58
C LYS B 195 -27.90 -12.08 6.66
N PHE B 196 -28.84 -11.33 7.24
CA PHE B 196 -29.91 -10.73 6.45
C PHE B 196 -29.42 -9.41 5.90
N ALA B 197 -28.41 -9.44 5.04
CA ALA B 197 -27.88 -8.22 4.49
C ALA B 197 -27.76 -8.39 3.00
N GLU B 198 -27.67 -7.27 2.30
CA GLU B 198 -27.55 -7.27 0.85
C GLU B 198 -26.10 -7.40 0.44
N HIS B 199 -25.88 -8.22 -0.57
CA HIS B 199 -24.54 -8.45 -1.07
C HIS B 199 -24.34 -7.54 -2.26
N HIS B 200 -23.12 -7.04 -2.42
CA HIS B 200 -22.78 -6.15 -3.53
C HIS B 200 -22.71 -6.79 -4.90
N GLN B 201 -23.00 -8.10 -4.97
CA GLN B 201 -22.95 -8.85 -6.23
C GLN B 201 -24.18 -9.69 -6.43
N THR B 202 -24.62 -10.36 -5.36
CA THR B 202 -25.78 -11.24 -5.40
C THR B 202 -27.08 -10.60 -4.90
N GLY B 203 -27.03 -9.31 -4.59
CA GLY B 203 -28.22 -8.60 -4.13
C GLY B 203 -28.73 -9.17 -2.84
N ASN B 204 -29.97 -9.62 -2.87
CA ASN B 204 -30.59 -10.20 -1.69
C ASN B 204 -31.06 -11.61 -2.03
N LYS B 205 -30.29 -12.29 -2.87
CA LYS B 205 -30.61 -13.64 -3.28
C LYS B 205 -30.27 -14.60 -2.15
N TRP B 206 -29.20 -14.31 -1.43
CA TRP B 206 -28.76 -15.14 -0.33
C TRP B 206 -28.89 -14.49 1.03
N CYS B 207 -29.50 -15.20 1.96
CA CYS B 207 -29.64 -14.70 3.30
C CYS B 207 -28.63 -15.45 4.16
N ILE B 208 -27.99 -16.47 3.60
CA ILE B 208 -26.96 -17.24 4.30
C ILE B 208 -25.67 -17.07 3.51
N TYR B 209 -24.57 -16.90 4.23
CA TYR B 209 -23.29 -16.74 3.57
C TYR B 209 -22.27 -17.73 4.11
N PRO B 210 -21.35 -18.21 3.25
CA PRO B 210 -20.33 -19.17 3.68
C PRO B 210 -19.09 -18.59 4.34
N MET B 211 -18.54 -19.33 5.29
CA MET B 211 -17.35 -18.89 5.99
C MET B 211 -16.14 -18.99 5.09
N TYR B 212 -15.06 -18.32 5.47
CA TYR B 212 -13.84 -18.30 4.68
C TYR B 212 -13.27 -19.68 4.38
N ASP B 213 -12.92 -20.41 5.43
CA ASP B 213 -12.33 -21.73 5.24
C ASP B 213 -13.13 -22.62 4.29
N PHE B 214 -14.45 -22.59 4.38
CA PHE B 214 -15.28 -23.41 3.51
C PHE B 214 -15.17 -22.91 2.08
N THR B 215 -15.31 -21.60 1.91
CA THR B 215 -15.27 -20.99 0.58
C THR B 215 -13.91 -20.96 -0.10
N HIS B 216 -12.84 -20.79 0.65
CA HIS B 216 -11.54 -20.67 0.03
C HIS B 216 -10.99 -21.88 -0.71
N CYS B 217 -11.03 -23.03 -0.07
CA CYS B 217 -10.52 -24.22 -0.69
C CYS B 217 -11.37 -24.58 -1.89
N ILE B 218 -12.69 -24.50 -1.76
CA ILE B 218 -13.60 -24.84 -2.87
C ILE B 218 -13.43 -23.93 -4.10
N SER B 219 -13.32 -22.62 -3.87
CA SER B 219 -13.10 -21.66 -4.96
C SER B 219 -11.81 -22.05 -5.65
N ASP B 220 -10.76 -22.16 -4.86
CA ASP B 220 -9.45 -22.54 -5.35
C ASP B 220 -9.52 -23.78 -6.22
N ALA B 221 -10.26 -24.78 -5.74
CA ALA B 221 -10.43 -26.04 -6.46
C ALA B 221 -11.15 -25.88 -7.77
N LEU B 222 -12.26 -25.16 -7.75
CA LEU B 222 -13.05 -24.93 -8.96
C LEU B 222 -12.26 -24.20 -10.02
N GLU B 223 -11.45 -23.22 -9.61
CA GLU B 223 -10.64 -22.47 -10.55
C GLU B 223 -9.42 -23.25 -11.03
N GLY B 224 -9.08 -24.31 -10.32
CA GLY B 224 -7.95 -25.11 -10.73
C GLY B 224 -6.63 -24.54 -10.26
N ILE B 225 -6.65 -23.92 -9.08
CA ILE B 225 -5.44 -23.34 -8.52
C ILE B 225 -4.50 -24.48 -8.14
N THR B 226 -3.26 -24.40 -8.60
CA THR B 226 -2.29 -25.42 -8.26
C THR B 226 -1.65 -25.18 -6.89
N HIS B 227 -1.34 -23.91 -6.59
CA HIS B 227 -0.69 -23.56 -5.32
C HIS B 227 -1.36 -22.36 -4.68
N SER B 228 -2.05 -22.60 -3.58
CA SER B 228 -2.73 -21.54 -2.86
C SER B 228 -1.74 -20.88 -1.90
N LEU B 229 -1.31 -19.65 -2.20
CA LEU B 229 -0.34 -18.93 -1.35
C LEU B 229 -0.97 -17.91 -0.40
N CYS B 230 -0.60 -17.96 0.87
CA CYS B 230 -1.17 -17.02 1.83
C CYS B 230 -0.21 -16.80 2.98
N THR B 231 -0.61 -15.92 3.87
CA THR B 231 0.20 -15.60 5.01
C THR B 231 0.12 -16.67 6.08
N LEU B 232 1.01 -16.55 7.05
CA LEU B 232 1.18 -17.51 8.12
C LEU B 232 0.04 -17.78 9.09
N GLU B 233 -0.83 -16.80 9.36
CA GLU B 233 -1.93 -17.03 10.30
C GLU B 233 -2.85 -18.17 9.86
N PHE B 234 -2.83 -18.50 8.58
CA PHE B 234 -3.66 -19.58 8.07
C PHE B 234 -2.97 -20.93 8.06
N GLN B 235 -1.91 -21.08 8.86
CA GLN B 235 -1.22 -22.37 8.91
C GLN B 235 -2.11 -23.43 9.53
N ASP B 236 -2.74 -23.11 10.66
CA ASP B 236 -3.65 -24.04 11.33
C ASP B 236 -4.88 -24.26 10.46
N ASN B 237 -5.29 -23.19 9.79
CA ASN B 237 -6.46 -23.21 8.94
C ASN B 237 -6.34 -24.18 7.77
N ARG B 238 -5.09 -24.53 7.40
CA ARG B 238 -4.84 -25.45 6.30
C ARG B 238 -5.44 -26.82 6.60
N ARG B 239 -5.57 -27.15 7.88
CA ARG B 239 -6.13 -28.42 8.32
C ARG B 239 -7.59 -28.55 7.86
N LEU B 240 -8.33 -27.44 7.94
CA LEU B 240 -9.73 -27.38 7.52
C LEU B 240 -9.81 -27.24 6.00
N TYR B 241 -8.80 -26.65 5.39
CA TYR B 241 -8.73 -26.49 3.94
C TYR B 241 -8.63 -27.90 3.33
N ASP B 242 -7.74 -28.73 3.85
CA ASP B 242 -7.62 -30.07 3.32
C ASP B 242 -8.82 -30.95 3.70
N TRP B 243 -9.33 -30.84 4.93
CA TRP B 243 -10.48 -31.63 5.35
C TRP B 243 -11.68 -31.40 4.42
N VAL B 244 -12.05 -30.15 4.18
CA VAL B 244 -13.19 -29.84 3.31
C VAL B 244 -13.05 -30.55 1.95
N LEU B 245 -11.95 -30.30 1.27
CA LEU B 245 -11.70 -30.89 -0.05
C LEU B 245 -11.69 -32.39 0.01
N ASP B 246 -10.95 -32.93 0.98
CA ASP B 246 -10.85 -34.37 1.15
C ASP B 246 -12.24 -34.97 1.28
N ASN B 247 -13.13 -34.24 1.94
CA ASN B 247 -14.49 -34.72 2.16
C ASN B 247 -15.62 -34.34 1.19
N ILE B 248 -15.32 -33.98 -0.06
CA ILE B 248 -16.37 -33.63 -1.02
C ILE B 248 -15.95 -34.11 -2.40
N THR B 249 -16.92 -34.30 -3.28
CA THR B 249 -16.64 -34.75 -4.65
C THR B 249 -16.20 -33.52 -5.43
N ILE B 250 -14.89 -33.44 -5.65
CA ILE B 250 -14.21 -32.34 -6.32
C ILE B 250 -13.03 -33.06 -6.99
N PRO B 251 -12.67 -32.71 -8.23
CA PRO B 251 -11.55 -33.45 -8.81
C PRO B 251 -10.12 -32.98 -8.54
N VAL B 252 -9.95 -31.82 -7.93
CA VAL B 252 -8.60 -31.34 -7.67
C VAL B 252 -8.43 -30.97 -6.21
N HIS B 253 -7.19 -30.91 -5.77
CA HIS B 253 -6.89 -30.54 -4.41
C HIS B 253 -5.70 -29.59 -4.38
N PRO B 254 -5.97 -28.26 -4.46
CA PRO B 254 -4.93 -27.24 -4.44
C PRO B 254 -4.21 -27.31 -3.10
N ARG B 255 -2.91 -27.05 -3.12
CA ARG B 255 -2.09 -27.10 -1.92
C ARG B 255 -1.75 -25.69 -1.45
N GLN B 256 -1.98 -25.43 -0.16
CA GLN B 256 -1.70 -24.14 0.46
C GLN B 256 -0.28 -24.05 1.00
N TYR B 257 0.33 -22.88 0.85
CA TYR B 257 1.69 -22.60 1.28
C TYR B 257 1.68 -21.21 1.85
N GLU B 258 2.13 -21.07 3.10
CA GLU B 258 2.12 -19.78 3.76
C GLU B 258 3.48 -19.11 3.83
N PHE B 259 3.51 -17.79 3.70
CA PHE B 259 4.73 -17.00 3.77
C PHE B 259 4.45 -15.88 4.76
N SER B 260 5.46 -15.36 5.44
CA SER B 260 5.24 -14.27 6.40
C SER B 260 4.73 -13.00 5.70
N ARG B 261 3.87 -12.27 6.39
CA ARG B 261 3.34 -11.03 5.86
C ARG B 261 4.33 -9.88 6.08
N LEU B 262 4.28 -8.89 5.20
CA LEU B 262 5.15 -7.73 5.31
C LEU B 262 4.70 -6.87 6.50
N ASN B 263 5.67 -6.30 7.20
CA ASN B 263 5.44 -5.41 8.34
C ASN B 263 6.39 -4.30 8.06
N LEU B 264 5.90 -3.07 8.06
CA LEU B 264 6.75 -1.93 7.74
C LEU B 264 6.87 -1.01 8.92
N GLU B 265 8.09 -0.61 9.22
CA GLU B 265 8.39 0.28 10.35
C GLU B 265 7.59 1.58 10.25
N TYR B 266 7.33 2.21 11.40
CA TYR B 266 6.58 3.48 11.47
C TYR B 266 5.24 3.56 10.75
N THR B 267 4.66 2.41 10.42
CA THR B 267 3.37 2.39 9.75
C THR B 267 2.52 1.18 10.15
N VAL B 268 1.23 1.23 9.81
CA VAL B 268 0.31 0.16 10.12
C VAL B 268 -0.27 -0.39 8.84
N MET B 269 -0.44 -1.72 8.79
CA MET B 269 -0.95 -2.38 7.60
C MET B 269 -2.38 -2.86 7.74
N SER B 270 -2.86 -3.04 8.97
CA SER B 270 -4.20 -3.53 9.16
C SER B 270 -5.23 -2.66 8.49
N LYS B 271 -6.01 -3.24 7.59
CA LYS B 271 -7.08 -2.51 6.88
C LYS B 271 -8.01 -1.88 7.90
N ARG B 272 -8.08 -2.48 9.09
CA ARG B 272 -8.92 -1.97 10.16
C ARG B 272 -8.36 -0.67 10.73
N LYS B 273 -7.05 -0.63 10.91
CA LYS B 273 -6.38 0.57 11.42
C LYS B 273 -6.30 1.63 10.32
N LEU B 274 -5.96 1.19 9.10
CA LEU B 274 -5.88 2.07 7.97
C LEU B 274 -7.27 2.67 7.79
N ASN B 275 -8.28 1.83 7.90
CA ASN B 275 -9.64 2.28 7.73
C ASN B 275 -9.93 3.37 8.73
N LEU B 276 -9.52 3.15 9.98
CA LEU B 276 -9.75 4.10 11.08
C LEU B 276 -9.17 5.48 10.83
N LEU B 277 -7.97 5.52 10.27
CA LEU B 277 -7.29 6.76 9.93
C LEU B 277 -8.16 7.49 8.92
N VAL B 278 -8.70 6.72 7.98
CA VAL B 278 -9.55 7.25 6.93
C VAL B 278 -10.93 7.64 7.47
N THR B 279 -11.49 6.79 8.32
CA THR B 279 -12.79 7.03 8.91
C THR B 279 -12.72 8.30 9.76
N ASP B 280 -11.87 8.30 10.78
CA ASP B 280 -11.72 9.45 11.65
C ASP B 280 -11.05 10.66 11.03
N LYS B 281 -10.86 10.66 9.72
CA LYS B 281 -10.28 11.79 9.01
C LYS B 281 -8.92 12.28 9.45
N HIS B 282 -8.07 11.38 9.97
CA HIS B 282 -6.72 11.78 10.39
C HIS B 282 -5.76 11.83 9.21
N VAL B 283 -6.27 11.42 8.05
CA VAL B 283 -5.56 11.44 6.77
C VAL B 283 -6.68 11.75 5.74
N GLU B 284 -6.33 12.32 4.60
CA GLU B 284 -7.32 12.64 3.57
C GLU B 284 -8.11 11.41 3.14
N GLY B 285 -7.53 10.58 2.29
CA GLY B 285 -8.25 9.40 1.87
C GLY B 285 -7.36 8.19 1.97
N TRP B 286 -7.79 7.09 1.35
CA TRP B 286 -6.99 5.87 1.35
C TRP B 286 -5.76 6.21 0.51
N ASP B 287 -5.92 7.17 -0.40
CA ASP B 287 -4.83 7.61 -1.28
C ASP B 287 -3.94 8.72 -0.72
N ASP B 288 -4.15 9.12 0.53
CA ASP B 288 -3.34 10.17 1.15
C ASP B 288 -1.91 9.73 0.99
N PRO B 289 -1.02 10.64 0.62
CA PRO B 289 0.38 10.27 0.44
C PRO B 289 1.17 9.66 1.60
N ARG B 290 0.60 9.65 2.82
CA ARG B 290 1.30 9.08 3.99
C ARG B 290 0.79 7.67 4.28
N MET B 291 -0.24 7.26 3.56
CA MET B 291 -0.82 5.94 3.72
C MET B 291 0.06 4.91 3.05
N PRO B 292 0.13 3.68 3.59
CA PRO B 292 0.97 2.68 2.92
C PRO B 292 0.17 1.91 1.87
N THR B 293 -0.91 2.51 1.39
CA THR B 293 -1.77 1.91 0.39
C THR B 293 -1.05 1.99 -0.95
N ILE B 294 -1.54 1.29 -1.97
CA ILE B 294 -0.90 1.36 -3.28
C ILE B 294 -1.22 2.73 -3.90
N SER B 295 -2.49 3.14 -3.79
CA SER B 295 -2.93 4.42 -4.33
C SER B 295 -2.24 5.55 -3.57
N GLY B 296 -1.94 5.28 -2.31
CA GLY B 296 -1.24 6.26 -1.49
C GLY B 296 0.17 6.42 -1.99
N LEU B 297 0.92 5.30 -2.08
CA LEU B 297 2.29 5.33 -2.57
C LEU B 297 2.33 5.90 -3.97
N ARG B 298 1.29 5.63 -4.75
CA ARG B 298 1.21 6.16 -6.10
C ARG B 298 1.07 7.69 -6.06
N ARG B 299 0.04 8.19 -5.37
CA ARG B 299 -0.19 9.63 -5.27
C ARG B 299 1.03 10.32 -4.67
N ARG B 300 1.75 9.61 -3.80
CA ARG B 300 2.96 10.15 -3.17
C ARG B 300 4.07 10.23 -4.21
N GLY B 301 3.90 9.49 -5.30
CA GLY B 301 4.89 9.54 -6.35
C GLY B 301 5.80 8.35 -6.50
N TYR B 302 5.43 7.22 -5.92
CA TYR B 302 6.23 6.01 -6.07
C TYR B 302 5.88 5.42 -7.42
N THR B 303 6.84 4.74 -8.01
CA THR B 303 6.66 4.13 -9.31
C THR B 303 6.36 2.66 -9.12
N ALA B 304 5.33 2.14 -9.78
CA ALA B 304 5.01 0.71 -9.69
C ALA B 304 6.29 -0.09 -9.79
N ALA B 305 7.16 0.32 -10.70
CA ALA B 305 8.41 -0.39 -10.87
C ALA B 305 9.26 -0.40 -9.60
N SER B 306 9.19 0.66 -8.80
CA SER B 306 9.98 0.72 -7.57
C SER B 306 9.38 -0.16 -6.47
N ILE B 307 8.07 -0.33 -6.51
CA ILE B 307 7.37 -1.19 -5.54
C ILE B 307 7.71 -2.64 -5.90
N ARG B 308 7.60 -3.00 -7.16
CA ARG B 308 7.92 -4.36 -7.58
C ARG B 308 9.37 -4.67 -7.23
N GLU B 309 10.23 -3.67 -7.27
CA GLU B 309 11.64 -3.87 -6.93
C GLU B 309 11.74 -4.10 -5.42
N PHE B 310 10.94 -3.33 -4.68
CA PHE B 310 10.92 -3.43 -3.22
C PHE B 310 10.57 -4.86 -2.81
N CYS B 311 9.40 -5.30 -3.27
CA CYS B 311 8.87 -6.63 -3.01
C CYS B 311 9.85 -7.70 -3.43
N LYS B 312 10.52 -7.48 -4.56
CA LYS B 312 11.51 -8.41 -5.08
C LYS B 312 12.65 -8.52 -4.06
N ARG B 313 13.14 -7.36 -3.61
CA ARG B 313 14.21 -7.30 -2.65
C ARG B 313 13.93 -7.84 -1.23
N ILE B 314 12.73 -7.64 -0.72
CA ILE B 314 12.45 -8.10 0.64
C ILE B 314 12.41 -9.59 0.88
N GLY B 315 12.26 -10.38 -0.19
CA GLY B 315 12.23 -11.83 -0.04
C GLY B 315 10.89 -12.40 0.37
N VAL B 316 10.79 -13.72 0.38
CA VAL B 316 9.57 -14.42 0.77
C VAL B 316 10.02 -15.56 1.67
N THR B 317 9.59 -15.53 2.93
CA THR B 317 10.00 -16.56 3.88
C THR B 317 8.85 -16.86 4.84
N LYS B 318 9.13 -17.63 5.89
CA LYS B 318 8.14 -17.94 6.91
C LYS B 318 8.50 -17.25 8.22
N GLN B 319 9.46 -16.35 8.15
CA GLN B 319 9.90 -15.62 9.33
C GLN B 319 9.20 -14.29 9.46
N ASP B 320 8.74 -13.99 10.68
CA ASP B 320 8.12 -12.70 10.92
C ASP B 320 9.26 -11.72 10.72
N ASN B 321 8.99 -10.63 10.01
CA ASN B 321 9.99 -9.60 9.71
C ASN B 321 9.35 -8.22 9.74
N THR B 322 10.18 -7.19 9.79
CA THR B 322 9.72 -5.83 9.80
C THR B 322 10.77 -4.97 9.11
N ILE B 323 10.51 -4.71 7.85
CA ILE B 323 11.36 -3.92 6.99
C ILE B 323 11.40 -2.46 7.46
N GLU B 324 12.59 -1.86 7.36
CA GLU B 324 12.77 -0.47 7.73
C GLU B 324 12.33 0.43 6.57
N MET B 325 11.88 1.64 6.88
CA MET B 325 11.45 2.59 5.86
C MET B 325 12.58 2.76 4.85
N ALA B 326 13.80 2.91 5.36
CA ALA B 326 15.01 3.08 4.57
C ALA B 326 15.06 2.25 3.29
N SER B 327 14.60 1.01 3.40
CA SER B 327 14.56 0.08 2.28
C SER B 327 13.53 0.54 1.24
N LEU B 328 12.33 0.83 1.69
CA LEU B 328 11.30 1.26 0.77
C LEU B 328 11.80 2.49 0.03
N GLU B 329 12.42 3.40 0.77
CA GLU B 329 12.93 4.64 0.23
C GLU B 329 14.05 4.42 -0.78
N SER B 330 15.03 3.62 -0.41
CA SER B 330 16.13 3.33 -1.32
C SER B 330 15.55 2.96 -2.67
N CYS B 331 14.47 2.18 -2.68
CA CYS B 331 13.82 1.76 -3.93
C CYS B 331 13.30 2.88 -4.82
N ILE B 332 12.51 3.82 -4.28
CA ILE B 332 12.02 4.91 -5.13
C ILE B 332 13.19 5.77 -5.56
N ARG B 333 14.19 5.87 -4.68
CA ARG B 333 15.38 6.66 -4.97
C ARG B 333 16.13 6.07 -6.15
N GLU B 334 16.49 4.80 -6.04
CA GLU B 334 17.22 4.15 -7.12
C GLU B 334 16.48 4.29 -8.47
N ASP B 335 15.17 4.49 -8.43
CA ASP B 335 14.42 4.64 -9.65
C ASP B 335 14.55 6.09 -10.05
N LEU B 336 13.81 6.95 -9.35
CA LEU B 336 13.79 8.38 -9.60
C LEU B 336 15.13 9.07 -9.80
N ASN B 337 16.18 8.56 -9.17
CA ASN B 337 17.50 9.14 -9.31
C ASN B 337 17.97 9.09 -10.77
N GLU B 338 17.59 8.03 -11.46
CA GLU B 338 18.00 7.81 -12.85
C GLU B 338 17.00 8.32 -13.90
N ASN B 339 15.72 8.33 -13.58
CA ASN B 339 14.73 8.74 -14.55
C ASN B 339 14.18 10.12 -14.35
N ALA B 340 14.30 10.67 -13.15
CA ALA B 340 13.76 12.00 -12.93
C ALA B 340 14.74 13.06 -13.41
N PRO B 341 14.21 14.16 -13.96
CA PRO B 341 15.00 15.29 -14.46
C PRO B 341 15.08 16.29 -13.32
N ARG B 342 16.20 17.01 -13.21
CA ARG B 342 16.36 17.97 -12.14
C ARG B 342 15.62 19.26 -12.42
N ALA B 343 15.26 19.96 -11.35
CA ALA B 343 14.55 21.24 -11.46
C ALA B 343 15.06 22.09 -10.30
N MET B 344 14.47 23.26 -10.13
CA MET B 344 14.93 24.15 -9.09
C MET B 344 13.76 24.76 -8.35
N ALA B 345 13.74 24.57 -7.04
CA ALA B 345 12.69 25.11 -6.20
C ALA B 345 13.33 25.59 -4.90
N VAL B 346 12.53 26.30 -4.11
CA VAL B 346 12.97 26.84 -2.84
C VAL B 346 11.73 26.71 -1.94
N ILE B 347 11.78 25.74 -1.02
CA ILE B 347 10.68 25.44 -0.12
C ILE B 347 10.44 26.55 0.92
N ASP B 348 11.51 27.04 1.52
CA ASP B 348 11.41 28.12 2.51
C ASP B 348 12.30 29.23 1.96
N PRO B 349 11.70 30.17 1.21
CA PRO B 349 12.40 31.29 0.59
C PRO B 349 12.72 32.53 1.44
N VAL B 350 13.86 33.13 1.12
CA VAL B 350 14.33 34.36 1.72
C VAL B 350 14.90 35.12 0.51
N LYS B 351 14.34 36.30 0.25
CA LYS B 351 14.75 37.10 -0.90
C LYS B 351 16.15 37.66 -0.89
N LEU B 352 16.98 37.17 -1.80
CA LEU B 352 18.32 37.67 -1.93
C LEU B 352 18.19 38.79 -2.95
N VAL B 353 19.09 39.77 -2.90
CA VAL B 353 19.08 40.90 -3.84
C VAL B 353 20.47 41.38 -4.21
N ILE B 354 20.94 40.96 -5.37
CA ILE B 354 22.25 41.38 -5.84
C ILE B 354 22.10 42.82 -6.33
N GLU B 355 22.43 43.78 -5.46
CA GLU B 355 22.36 45.19 -5.81
C GLU B 355 23.32 45.39 -6.98
N ASN B 356 24.36 44.56 -7.00
CA ASN B 356 25.38 44.57 -8.04
C ASN B 356 24.83 44.21 -9.44
N TYR B 357 23.61 43.67 -9.50
CA TYR B 357 23.01 43.28 -10.78
C TYR B 357 22.26 44.42 -11.41
N GLN B 358 22.40 44.57 -12.73
CA GLN B 358 21.70 45.61 -13.47
C GLN B 358 21.01 44.97 -14.69
N GLY B 359 19.75 45.34 -14.87
CA GLY B 359 18.96 44.82 -15.98
C GLY B 359 17.64 44.29 -15.46
N GLU B 360 16.89 43.62 -16.33
CA GLU B 360 15.61 43.05 -15.94
C GLU B 360 15.69 41.53 -15.98
N GLY B 361 16.92 41.04 -15.79
CA GLY B 361 17.19 39.62 -15.80
C GLY B 361 17.86 39.19 -17.08
N GLU B 362 17.91 37.88 -17.28
CA GLU B 362 18.49 37.25 -18.47
C GLU B 362 18.12 35.77 -18.39
N MET B 363 18.82 34.93 -19.13
CA MET B 363 18.52 33.51 -19.11
C MET B 363 19.78 32.63 -19.04
N VAL B 364 19.73 31.58 -18.23
CA VAL B 364 20.83 30.65 -18.05
C VAL B 364 20.45 29.24 -18.52
N THR B 365 21.39 28.57 -19.16
CA THR B 365 21.17 27.22 -19.64
C THR B 365 21.43 26.26 -18.48
N MET B 366 20.46 25.36 -18.26
CA MET B 366 20.52 24.36 -17.19
C MET B 366 20.37 22.95 -17.77
N PRO B 367 20.86 21.93 -17.07
CA PRO B 367 20.71 20.58 -17.61
C PRO B 367 19.39 20.02 -17.13
N ASN B 368 19.04 18.84 -17.65
CA ASN B 368 17.83 18.16 -17.23
C ASN B 368 18.22 16.99 -16.34
N HIS B 369 19.48 16.57 -16.42
CA HIS B 369 19.99 15.50 -15.59
C HIS B 369 21.51 15.47 -15.65
N PRO B 370 22.19 16.11 -14.67
CA PRO B 370 23.64 16.20 -14.56
C PRO B 370 24.48 15.02 -15.07
N ASN B 371 24.09 13.79 -14.76
CA ASN B 371 24.89 12.67 -15.24
C ASN B 371 24.32 12.03 -16.49
N LYS B 372 23.38 12.72 -17.13
CA LYS B 372 22.73 12.25 -18.35
C LYS B 372 22.43 13.44 -19.26
N PRO B 373 23.45 13.98 -19.93
CA PRO B 373 23.21 15.12 -20.82
C PRO B 373 22.23 14.86 -21.96
N GLU B 374 22.11 13.60 -22.40
CA GLU B 374 21.21 13.29 -23.51
C GLU B 374 19.73 13.53 -23.18
N MET B 375 19.46 13.96 -21.96
CA MET B 375 18.08 14.26 -21.57
C MET B 375 17.79 15.73 -21.91
N GLY B 376 18.75 16.38 -22.56
CA GLY B 376 18.59 17.78 -22.98
C GLY B 376 18.87 18.80 -21.90
N SER B 377 18.89 20.06 -22.30
CA SER B 377 19.13 21.19 -21.39
C SER B 377 17.96 22.16 -21.51
N ARG B 378 17.98 23.23 -20.72
CA ARG B 378 16.90 24.22 -20.76
C ARG B 378 17.36 25.64 -20.42
N GLN B 379 16.47 26.61 -20.66
CA GLN B 379 16.77 28.01 -20.42
C GLN B 379 15.95 28.47 -19.21
N VAL B 380 16.64 29.09 -18.24
CA VAL B 380 15.97 29.57 -17.02
C VAL B 380 16.33 31.04 -16.73
N PRO B 381 15.32 31.85 -16.37
CA PRO B 381 15.50 33.28 -16.08
C PRO B 381 16.28 33.67 -14.82
N PHE B 382 17.37 34.40 -15.02
CA PHE B 382 18.19 34.89 -13.91
C PHE B 382 17.81 36.34 -13.60
N SER B 383 18.21 36.83 -12.43
CA SER B 383 17.96 38.21 -12.03
C SER B 383 18.71 38.60 -10.74
N GLY B 384 18.60 39.87 -10.35
CA GLY B 384 19.27 40.34 -9.15
C GLY B 384 18.34 40.30 -7.95
N GLU B 385 17.15 39.76 -8.15
CA GLU B 385 16.20 39.63 -7.06
C GLU B 385 15.71 38.20 -7.10
N ILE B 386 16.61 37.30 -6.74
CA ILE B 386 16.32 35.87 -6.71
C ILE B 386 15.98 35.45 -5.29
N TRP B 387 15.52 34.22 -5.15
CA TRP B 387 15.18 33.68 -3.85
C TRP B 387 16.15 32.54 -3.57
N ILE B 388 16.24 32.18 -2.29
CA ILE B 388 17.06 31.07 -1.81
C ILE B 388 16.35 30.50 -0.58
N ASP B 389 16.81 29.32 -0.13
CA ASP B 389 16.24 28.71 1.04
C ASP B 389 17.04 29.23 2.21
N ARG B 390 16.33 29.71 3.23
CA ARG B 390 16.96 30.25 4.42
C ARG B 390 18.19 29.45 4.84
N ALA B 391 17.99 28.18 5.15
CA ALA B 391 19.08 27.28 5.58
C ALA B 391 20.39 27.37 4.80
N ASP B 392 20.34 27.94 3.61
CA ASP B 392 21.51 28.08 2.77
C ASP B 392 22.41 29.21 3.26
N PHE B 393 21.81 30.31 3.72
CA PHE B 393 22.55 31.45 4.21
C PHE B 393 22.78 31.34 5.72
N ARG B 394 24.00 31.65 6.13
CA ARG B 394 24.37 31.61 7.54
C ARG B 394 25.30 32.80 7.81
N GLU B 395 24.98 33.58 8.84
CA GLU B 395 25.80 34.74 9.16
C GLU B 395 27.16 34.33 9.72
N GLU B 396 27.23 33.10 10.22
CA GLU B 396 28.45 32.58 10.83
C GLU B 396 28.49 31.06 10.82
N ALA B 397 29.34 30.49 11.67
CA ALA B 397 29.48 29.05 11.87
C ALA B 397 30.39 28.19 11.00
N ASN B 398 30.98 27.20 11.67
CA ASN B 398 31.88 26.16 11.17
C ASN B 398 32.64 26.22 9.86
N LYS B 399 33.66 25.37 9.80
CA LYS B 399 34.54 25.26 8.63
C LYS B 399 34.05 24.17 7.66
N GLN B 400 32.96 23.49 8.02
CA GLN B 400 32.41 22.45 7.15
C GLN B 400 31.21 22.98 6.38
N TYR B 401 30.49 23.90 7.01
CA TYR B 401 29.31 24.54 6.43
C TYR B 401 29.66 25.09 5.05
N LYS B 402 29.30 24.35 4.02
CA LYS B 402 29.61 24.73 2.66
C LYS B 402 28.67 25.72 1.98
N ARG B 403 27.75 26.34 2.71
CA ARG B 403 26.83 27.28 2.08
C ARG B 403 27.19 28.75 2.25
N LEU B 404 26.20 29.64 2.17
CA LEU B 404 26.50 31.07 2.29
C LEU B 404 26.77 31.56 3.70
N VAL B 405 27.85 32.34 3.81
CA VAL B 405 28.32 32.93 5.06
C VAL B 405 28.24 34.45 4.89
N LEU B 406 28.05 35.17 6.01
CA LEU B 406 27.95 36.62 5.94
C LEU B 406 29.21 37.36 5.48
N GLY B 407 30.15 36.63 4.89
CA GLY B 407 31.36 37.26 4.40
C GLY B 407 32.05 36.44 3.32
N LYS B 408 31.30 35.61 2.64
CA LYS B 408 31.89 34.74 1.62
C LYS B 408 30.95 34.52 0.41
N GLU B 409 31.42 33.76 -0.56
CA GLU B 409 30.70 33.43 -1.78
C GLU B 409 30.09 32.03 -1.78
N VAL B 410 29.41 31.69 -2.89
CA VAL B 410 28.80 30.39 -3.15
C VAL B 410 28.32 30.42 -4.59
N ARG B 411 28.44 29.30 -5.29
CA ARG B 411 27.99 29.23 -6.66
C ARG B 411 26.49 28.98 -6.70
N LEU B 412 25.74 29.96 -7.20
CA LEU B 412 24.32 29.77 -7.33
C LEU B 412 24.18 28.64 -8.36
N ARG B 413 23.04 27.95 -8.37
CA ARG B 413 22.82 26.84 -9.29
C ARG B 413 22.88 27.25 -10.75
N ASN B 414 23.71 26.55 -11.52
CA ASN B 414 23.89 26.79 -12.97
C ASN B 414 24.05 28.26 -13.36
N ALA B 415 24.33 29.12 -12.39
CA ALA B 415 24.47 30.54 -12.64
C ALA B 415 25.77 31.14 -12.08
N TYR B 416 25.63 32.32 -11.45
CA TYR B 416 26.75 33.09 -10.89
C TYR B 416 27.14 32.86 -9.44
N VAL B 417 28.43 32.97 -9.16
CA VAL B 417 28.97 32.84 -7.80
C VAL B 417 28.68 34.14 -7.05
N ILE B 418 27.60 34.20 -6.29
CA ILE B 418 27.32 35.42 -5.55
C ILE B 418 28.22 35.45 -4.32
N LYS B 419 28.29 36.62 -3.69
CA LYS B 419 29.09 36.80 -2.48
C LYS B 419 28.37 37.79 -1.57
N ALA B 420 27.83 37.27 -0.47
CA ALA B 420 27.09 38.10 0.47
C ALA B 420 28.01 39.17 1.03
N GLU B 421 27.43 40.30 1.42
CA GLU B 421 28.20 41.40 1.98
C GLU B 421 27.34 42.32 2.84
N ARG B 422 26.19 41.82 3.27
CA ARG B 422 25.26 42.57 4.11
C ARG B 422 24.09 41.66 4.43
N VAL B 423 23.05 42.24 5.02
CA VAL B 423 21.83 41.52 5.39
C VAL B 423 20.85 42.56 5.96
N GLU B 424 19.80 42.10 6.63
CA GLU B 424 18.81 42.99 7.20
C GLU B 424 17.80 42.07 7.84
N LYS B 425 17.17 42.52 8.92
CA LYS B 425 16.18 41.69 9.60
C LYS B 425 14.97 42.55 9.93
N ASP B 426 14.08 42.01 10.76
CA ASP B 426 12.88 42.75 11.16
C ASP B 426 12.82 42.90 12.67
N ALA B 427 11.69 43.43 13.16
CA ALA B 427 11.44 43.66 14.58
C ALA B 427 11.74 42.45 15.46
N GLU B 428 11.60 41.25 14.90
CA GLU B 428 11.87 40.04 15.66
C GLU B 428 13.19 39.40 15.25
N GLY B 429 14.12 40.23 14.79
CA GLY B 429 15.44 39.77 14.40
C GLY B 429 15.46 38.72 13.29
N ASN B 430 14.37 38.65 12.51
CA ASN B 430 14.26 37.69 11.40
C ASN B 430 14.68 38.40 10.13
N ILE B 431 15.63 37.81 9.40
CA ILE B 431 16.11 38.37 8.16
C ILE B 431 14.97 38.50 7.14
N THR B 432 15.14 39.39 6.16
CA THR B 432 14.15 39.57 5.12
C THR B 432 14.87 39.56 3.76
N THR B 433 16.07 40.10 3.71
CA THR B 433 16.86 40.16 2.49
C THR B 433 18.34 40.05 2.74
N ILE B 434 19.07 39.57 1.74
CA ILE B 434 20.52 39.40 1.86
C ILE B 434 21.16 40.05 0.65
N PHE B 435 21.93 41.10 0.91
CA PHE B 435 22.60 41.85 -0.14
C PHE B 435 23.97 41.24 -0.45
N CYS B 436 24.17 40.90 -1.71
CA CYS B 436 25.41 40.26 -2.17
C CYS B 436 25.77 40.74 -3.56
N THR B 437 26.96 40.37 -4.04
CA THR B 437 27.39 40.78 -5.38
C THR B 437 27.77 39.62 -6.30
N TYR B 438 27.07 39.54 -7.44
CA TYR B 438 27.31 38.47 -8.42
C TYR B 438 28.59 38.73 -9.22
N ASP B 439 29.39 37.70 -9.37
CA ASP B 439 30.60 37.82 -10.15
C ASP B 439 30.11 37.99 -11.57
N ALA B 440 30.52 39.09 -12.19
CA ALA B 440 30.14 39.41 -13.57
C ALA B 440 30.15 38.14 -14.41
N ASP B 441 31.24 37.39 -14.36
CA ASP B 441 31.29 36.14 -15.09
C ASP B 441 31.72 34.94 -14.28
N THR B 442 30.76 34.05 -14.08
CA THR B 442 30.92 32.81 -13.37
C THR B 442 29.74 31.99 -13.83
N LEU B 443 29.94 31.23 -14.89
CA LEU B 443 28.91 30.38 -15.48
C LEU B 443 29.44 29.64 -16.70
N GLY B 455 30.82 26.87 -1.61
CA GLY B 455 29.87 25.81 -1.94
C GLY B 455 28.87 26.17 -3.01
N VAL B 456 27.91 25.28 -3.25
CA VAL B 456 26.87 25.48 -4.26
C VAL B 456 25.52 25.56 -3.58
N ILE B 457 24.57 26.24 -4.22
CA ILE B 457 23.21 26.33 -3.68
C ILE B 457 22.21 26.35 -4.87
N HIS B 458 20.91 26.39 -4.58
CA HIS B 458 19.90 26.37 -5.64
C HIS B 458 18.96 27.56 -5.46
N TRP B 459 18.46 28.11 -6.57
CA TRP B 459 17.59 29.30 -6.50
C TRP B 459 16.39 29.35 -7.45
N VAL B 460 15.70 30.49 -7.40
CA VAL B 460 14.53 30.83 -8.22
C VAL B 460 14.38 32.36 -8.25
N SER B 461 14.44 32.97 -9.44
CA SER B 461 14.28 34.42 -9.58
C SER B 461 12.86 34.82 -9.19
N ALA B 462 12.73 35.87 -8.40
CA ALA B 462 11.44 36.34 -7.92
C ALA B 462 10.49 36.80 -9.02
N ALA B 463 11.05 37.38 -10.07
CA ALA B 463 10.28 37.87 -11.20
C ALA B 463 9.47 36.76 -11.85
N HIS B 464 10.16 35.67 -12.18
CA HIS B 464 9.54 34.51 -12.80
C HIS B 464 9.57 33.34 -11.82
N ALA B 465 8.98 33.55 -10.65
CA ALA B 465 8.93 32.51 -9.62
C ALA B 465 7.49 32.06 -9.46
N LEU B 466 7.21 30.86 -9.91
CA LEU B 466 5.86 30.35 -9.81
C LEU B 466 5.54 30.08 -8.34
N PRO B 467 4.38 30.55 -7.88
CA PRO B 467 3.97 30.32 -6.49
C PRO B 467 3.51 28.84 -6.40
N VAL B 468 4.46 28.02 -5.99
CA VAL B 468 4.31 26.57 -5.86
C VAL B 468 4.10 26.10 -4.42
N GLU B 469 2.96 25.49 -4.12
CA GLU B 469 2.77 24.97 -2.76
C GLU B 469 3.54 23.68 -2.72
N ILE B 470 4.42 23.52 -1.75
CA ILE B 470 5.19 22.29 -1.65
C ILE B 470 4.73 21.52 -0.41
N ARG B 471 4.52 20.22 -0.59
CA ARG B 471 4.06 19.39 0.51
C ARG B 471 5.13 18.40 0.94
N LEU B 472 5.64 18.63 2.14
CA LEU B 472 6.67 17.78 2.70
C LEU B 472 6.00 16.67 3.52
N TYR B 473 6.35 15.42 3.25
CA TYR B 473 5.77 14.30 3.97
C TYR B 473 6.83 13.63 4.81
N ASP B 474 6.40 13.09 5.94
CA ASP B 474 7.27 12.40 6.89
C ASP B 474 6.54 11.15 7.39
N ARG B 475 7.20 10.36 8.23
CA ARG B 475 6.59 9.15 8.74
C ARG B 475 5.31 9.48 9.49
N LEU B 476 4.26 8.73 9.18
CA LEU B 476 2.96 8.97 9.77
C LEU B 476 3.01 8.84 11.25
N PHE B 477 3.78 7.88 11.73
CA PHE B 477 3.86 7.65 13.17
C PHE B 477 5.20 7.95 13.81
N SER B 478 5.12 8.35 15.07
CA SER B 478 6.27 8.72 15.86
C SER B 478 7.02 7.55 16.47
N VAL B 479 6.45 6.36 16.40
CA VAL B 479 7.08 5.18 16.96
C VAL B 479 7.15 4.10 15.88
N PRO B 480 8.30 3.43 15.74
CA PRO B 480 8.58 2.36 14.77
C PRO B 480 7.53 1.26 14.68
N ASN B 481 6.91 0.94 15.80
CA ASN B 481 5.89 -0.10 15.85
C ASN B 481 4.60 0.47 16.44
N PRO B 482 3.99 1.42 15.73
CA PRO B 482 2.76 2.03 16.22
C PRO B 482 1.65 1.02 16.53
N GLY B 483 1.58 -0.05 15.76
CA GLY B 483 0.56 -1.07 15.96
C GLY B 483 0.54 -1.55 17.40
N ALA B 484 1.73 -1.84 17.93
CA ALA B 484 1.88 -2.33 19.30
C ALA B 484 1.49 -1.31 20.35
N ALA B 485 1.29 -0.05 19.93
CA ALA B 485 0.92 0.98 20.88
C ALA B 485 -0.47 0.71 21.42
N ASP B 486 -0.74 1.19 22.63
CA ASP B 486 -2.05 0.98 23.23
C ASP B 486 -3.13 1.66 22.41
N ASP B 487 -2.81 2.85 21.90
CA ASP B 487 -3.72 3.62 21.07
C ASP B 487 -2.87 4.14 19.91
N PHE B 488 -2.72 3.34 18.87
CA PHE B 488 -1.89 3.73 17.74
C PHE B 488 -2.16 5.13 17.22
N LEU B 489 -3.40 5.59 17.36
CA LEU B 489 -3.78 6.92 16.88
C LEU B 489 -3.12 8.03 17.68
N SER B 490 -3.02 7.84 18.99
CA SER B 490 -2.43 8.84 19.83
C SER B 490 -0.96 8.97 19.57
N VAL B 491 -0.41 8.09 18.74
CA VAL B 491 1.02 8.15 18.46
C VAL B 491 1.37 8.64 17.04
N ILE B 492 0.41 9.29 16.38
CA ILE B 492 0.64 9.84 15.05
C ILE B 492 1.69 10.96 15.13
N ASN B 493 2.30 11.27 14.00
CA ASN B 493 3.34 12.29 13.91
C ASN B 493 2.70 13.57 13.39
N PRO B 494 2.58 14.60 14.24
CA PRO B 494 1.98 15.88 13.88
C PRO B 494 2.69 16.58 12.75
N GLU B 495 3.89 16.12 12.43
CA GLU B 495 4.65 16.70 11.33
C GLU B 495 4.79 15.75 10.15
N SER B 496 3.85 14.82 10.02
CA SER B 496 3.85 13.86 8.93
C SER B 496 3.66 14.60 7.62
N LEU B 497 2.91 15.71 7.67
CA LEU B 497 2.69 16.56 6.50
C LEU B 497 2.90 18.00 6.94
N VAL B 498 3.92 18.64 6.38
CA VAL B 498 4.25 20.02 6.66
C VAL B 498 4.14 20.74 5.31
N ILE B 499 3.15 21.62 5.19
CA ILE B 499 2.88 22.35 3.94
C ILE B 499 3.69 23.64 3.81
N LYS B 500 4.72 23.59 2.98
CA LYS B 500 5.58 24.74 2.78
C LYS B 500 5.27 25.48 1.49
N GLN B 501 4.91 26.75 1.60
CA GLN B 501 4.65 27.58 0.43
C GLN B 501 6.01 28.02 -0.06
N GLY B 502 6.26 27.89 -1.35
CA GLY B 502 7.56 28.24 -1.88
C GLY B 502 7.53 28.79 -3.29
N PHE B 503 8.68 28.74 -3.95
CA PHE B 503 8.80 29.26 -5.29
C PHE B 503 9.65 28.33 -6.12
N ALA B 504 9.21 28.09 -7.34
CA ALA B 504 9.93 27.21 -8.26
C ALA B 504 9.98 27.86 -9.62
N GLU B 505 10.94 27.41 -10.43
CA GLU B 505 11.10 27.95 -11.77
C GLU B 505 9.85 27.87 -12.68
N PRO B 506 9.67 28.89 -13.56
CA PRO B 506 8.51 28.92 -14.46
C PRO B 506 8.34 27.64 -15.28
N SER B 507 9.37 26.81 -15.33
CA SER B 507 9.32 25.54 -16.05
C SER B 507 8.16 24.68 -15.52
N LEU B 508 8.09 24.57 -14.20
CA LEU B 508 7.06 23.81 -13.51
C LEU B 508 5.65 24.31 -13.80
N LYS B 509 5.55 25.37 -14.60
CA LYS B 509 4.26 25.90 -15.00
C LYS B 509 3.68 24.80 -15.89
N ASP B 510 4.55 24.02 -16.51
CA ASP B 510 4.14 22.93 -17.38
C ASP B 510 4.30 21.53 -16.81
N ALA B 511 3.98 21.37 -15.54
CA ALA B 511 4.09 20.07 -14.93
C ALA B 511 2.80 19.31 -15.24
N VAL B 512 2.84 17.99 -15.12
CA VAL B 512 1.69 17.11 -15.34
C VAL B 512 1.73 16.00 -14.31
N ALA B 513 0.60 15.78 -13.63
CA ALA B 513 0.49 14.73 -12.60
C ALA B 513 0.93 13.45 -13.28
N GLY B 514 1.94 12.82 -12.71
CA GLY B 514 2.45 11.61 -13.30
C GLY B 514 3.92 11.83 -13.49
N LYS B 515 4.28 13.04 -13.88
CA LYS B 515 5.67 13.39 -14.09
C LYS B 515 6.30 13.73 -12.75
N ALA B 516 7.50 13.22 -12.51
CA ALA B 516 8.20 13.46 -11.27
C ALA B 516 9.58 13.98 -11.56
N PHE B 517 9.87 15.16 -11.05
CA PHE B 517 11.17 15.80 -11.22
C PHE B 517 11.91 15.75 -9.89
N GLN B 518 13.22 15.95 -9.95
CA GLN B 518 14.04 15.98 -8.75
C GLN B 518 14.44 17.42 -8.47
N PHE B 519 13.74 18.08 -7.55
CA PHE B 519 14.10 19.43 -7.19
C PHE B 519 15.47 19.27 -6.60
N GLU B 520 16.45 19.86 -7.27
CA GLU B 520 17.85 19.78 -6.90
C GLU B 520 18.11 20.08 -5.43
N ARG B 521 18.97 19.25 -4.82
CA ARG B 521 19.36 19.40 -3.43
C ARG B 521 18.28 19.12 -2.39
N GLU B 522 17.01 19.25 -2.75
CA GLU B 522 15.94 18.98 -1.82
C GLU B 522 15.57 17.48 -1.84
N GLY B 523 14.63 17.11 -2.71
CA GLY B 523 14.23 15.73 -2.81
C GLY B 523 13.80 15.36 -4.22
N TYR B 524 12.72 14.59 -4.32
CA TYR B 524 12.13 14.15 -5.58
C TYR B 524 10.70 14.57 -5.41
N PHE B 525 10.21 15.38 -6.32
CA PHE B 525 8.84 15.86 -6.17
C PHE B 525 7.98 15.50 -7.35
N CYS B 526 6.67 15.59 -7.17
CA CYS B 526 5.76 15.24 -8.23
C CYS B 526 4.54 16.09 -7.97
N LEU B 527 3.75 16.36 -9.00
CA LEU B 527 2.55 17.19 -8.91
C LEU B 527 1.41 16.45 -8.18
N ASP B 528 0.18 16.61 -8.67
CA ASP B 528 -0.99 15.93 -8.14
C ASP B 528 -1.49 16.27 -6.75
N SER B 529 -1.31 15.33 -5.82
CA SER B 529 -1.79 15.44 -4.44
C SER B 529 -3.27 15.82 -4.35
N ARG B 530 -3.99 15.70 -5.48
CA ARG B 530 -5.43 16.02 -5.56
C ARG B 530 -5.71 17.53 -5.46
N HIS B 531 -4.66 18.33 -5.40
CA HIS B 531 -4.82 19.78 -5.23
C HIS B 531 -4.28 20.74 -6.29
N SER B 532 -3.15 20.44 -6.90
CA SER B 532 -2.52 21.33 -7.89
C SER B 532 -3.39 21.87 -9.03
N THR B 533 -4.14 22.94 -8.75
CA THR B 533 -4.98 23.56 -9.75
C THR B 533 -4.11 24.32 -10.76
N ALA B 534 -4.75 25.07 -11.65
CA ALA B 534 -4.02 25.87 -12.64
C ALA B 534 -3.30 27.02 -11.95
N GLU B 535 -3.89 27.51 -10.86
CA GLU B 535 -3.33 28.63 -10.10
C GLU B 535 -2.26 28.16 -9.13
N LYS B 536 -2.61 27.23 -8.25
CA LYS B 536 -1.67 26.76 -7.24
C LYS B 536 -1.08 25.38 -7.50
N PRO B 537 0.05 25.33 -8.21
CA PRO B 537 0.70 24.05 -8.48
C PRO B 537 1.18 23.44 -7.18
N VAL B 538 0.38 22.56 -6.59
CA VAL B 538 0.74 21.86 -5.36
C VAL B 538 1.66 20.70 -5.72
N PHE B 539 2.73 20.50 -4.96
CA PHE B 539 3.67 19.43 -5.23
C PHE B 539 3.92 18.54 -4.02
N ASN B 540 4.11 17.25 -4.28
CA ASN B 540 4.38 16.24 -3.29
C ASN B 540 5.86 15.89 -3.26
N ARG B 541 6.45 15.82 -2.07
CA ARG B 541 7.86 15.43 -1.95
C ARG B 541 7.85 13.93 -1.79
N THR B 542 8.14 13.21 -2.86
CA THR B 542 8.14 11.77 -2.82
C THR B 542 9.11 11.28 -1.74
N VAL B 543 10.38 11.59 -1.92
CA VAL B 543 11.41 11.19 -0.99
C VAL B 543 12.58 12.17 -1.05
N GLY B 544 13.19 12.45 0.11
CA GLY B 544 14.33 13.34 0.16
C GLY B 544 15.58 12.55 -0.21
N LEU B 545 16.68 13.26 -0.45
CA LEU B 545 17.93 12.59 -0.81
C LEU B 545 18.69 12.13 0.42
N ARG B 546 19.74 11.35 0.23
CA ARG B 546 20.55 10.90 1.35
C ARG B 546 21.24 12.17 1.83
N ASP B 547 21.03 12.53 3.08
CA ASP B 547 21.61 13.75 3.60
C ASP B 547 22.34 13.45 4.90
N THR B 548 23.62 13.12 4.80
CA THR B 548 24.38 12.82 6.02
C THR B 548 25.06 14.04 6.63
#